data_6J8L
#
_entry.id   6J8L
#
_cell.length_a   35.350
_cell.length_b   65.679
_cell.length_c   143.199
_cell.angle_alpha   90.000
_cell.angle_beta   90.000
_cell.angle_gamma   90.000
#
_symmetry.space_group_name_H-M   'P 21 21 21'
#
loop_
_entity.id
_entity.type
_entity.pdbx_description
1 polymer Avh240
2 non-polymer 'SULFATE ION'
3 water water
#
_entity_poly.entity_id   1
_entity_poly.type   'polypeptide(L)'
_entity_poly.pdbx_seq_one_letter_code
;LLGYNTVQLWRMRRTANKLMNGKLTTQKEAALKKWMASQQDKFLAKWLKSSSVYPDQVYSKLGLTKLGASAKSSPNYQLY
EKYTEALLQRWTNFKASPDTVYKSLRLDKLGAKAPQSPSYPMYEKYLQTFFRNQPAN
;
_entity_poly.pdbx_strand_id   A,B
#
# COMPACT_ATOMS: atom_id res chain seq x y z
N LEU A 2 31.12 5.07 -20.67
CA LEU A 2 31.27 3.78 -21.34
C LEU A 2 30.34 3.67 -22.55
N GLY A 3 29.05 3.88 -22.36
CA GLY A 3 28.08 3.77 -23.45
C GLY A 3 27.40 5.07 -23.79
N TYR A 4 26.87 5.19 -25.01
CA TYR A 4 26.24 6.45 -25.41
C TYR A 4 25.05 6.79 -24.51
N ASN A 5 24.15 5.82 -24.29
CA ASN A 5 22.98 6.06 -23.46
C ASN A 5 23.39 6.58 -22.09
N THR A 6 24.30 5.87 -21.44
CA THR A 6 24.80 6.31 -20.13
C THR A 6 25.32 7.74 -20.19
N VAL A 7 26.08 8.09 -21.24
CA VAL A 7 26.66 9.44 -21.29
C VAL A 7 25.56 10.48 -21.45
N GLN A 8 24.56 10.22 -22.30
CA GLN A 8 23.45 11.17 -22.44
C GLN A 8 22.71 11.38 -21.12
N LEU A 9 22.42 10.30 -20.39
CA LEU A 9 21.75 10.45 -19.10
C LEU A 9 22.63 11.20 -18.11
N TRP A 10 23.94 10.99 -18.21
CA TRP A 10 24.87 11.71 -17.34
C TRP A 10 24.87 13.20 -17.66
N ARG A 11 24.64 13.56 -18.93
CA ARG A 11 24.54 14.96 -19.30
C ARG A 11 23.20 15.56 -18.87
N MET A 12 22.15 14.75 -18.89
CA MET A 12 20.87 15.21 -18.37
C MET A 12 20.94 15.49 -16.87
N ARG A 13 21.65 14.64 -16.12
CA ARG A 13 21.82 14.91 -14.70
C ARG A 13 22.71 16.12 -14.46
N ARG A 14 23.78 16.27 -15.24
CA ARG A 14 24.71 17.37 -15.06
C ARG A 14 24.10 18.70 -15.51
N THR A 15 23.41 18.70 -16.64
CA THR A 15 22.70 19.92 -17.04
C THR A 15 21.63 20.31 -16.01
N ALA A 16 20.92 19.33 -15.45
CA ALA A 16 19.96 19.66 -14.38
C ALA A 16 20.64 20.32 -13.21
N ASN A 17 21.83 19.85 -12.83
CA ASN A 17 22.50 20.42 -11.68
C ASN A 17 22.93 21.86 -11.93
N LYS A 18 23.41 22.16 -13.14
CA LYS A 18 23.82 23.53 -13.45
C LYS A 18 22.65 24.49 -13.33
N LEU A 19 21.47 24.09 -13.80
CA LEU A 19 20.30 24.95 -13.69
C LEU A 19 19.96 25.19 -12.23
N MET A 20 19.94 24.12 -11.41
CA MET A 20 19.60 24.23 -10.00
C MET A 20 20.64 25.01 -9.22
N ASN A 21 21.88 25.08 -9.71
CA ASN A 21 22.96 25.68 -8.94
C ASN A 21 23.11 27.18 -9.16
N GLY A 22 22.42 27.76 -10.14
CA GLY A 22 22.28 29.21 -10.21
C GLY A 22 23.48 30.01 -10.67
N LYS A 23 24.48 29.37 -11.29
CA LYS A 23 25.67 30.07 -11.70
C LYS A 23 25.67 30.45 -13.18
N LEU A 24 24.60 30.20 -13.92
CA LEU A 24 24.61 30.41 -15.36
C LEU A 24 24.18 31.83 -15.73
N THR A 25 24.80 32.37 -16.78
CA THR A 25 24.32 33.60 -17.38
C THR A 25 22.95 33.39 -18.05
N THR A 26 22.38 34.50 -18.52
CA THR A 26 21.11 34.41 -19.25
C THR A 26 21.25 33.54 -20.49
N GLN A 27 22.28 33.80 -21.31
CA GLN A 27 22.42 33.08 -22.57
C GLN A 27 22.76 31.61 -22.36
N LYS A 28 23.62 31.31 -21.37
CA LYS A 28 23.95 29.90 -21.12
C LYS A 28 22.75 29.17 -20.56
N GLU A 29 21.92 29.85 -19.76
CA GLU A 29 20.71 29.22 -19.26
C GLU A 29 19.78 28.86 -20.41
N ALA A 30 19.51 29.81 -21.30
CA ALA A 30 18.66 29.52 -22.45
C ALA A 30 19.19 28.33 -23.24
N ALA A 31 20.51 28.29 -23.45
CA ALA A 31 21.10 27.25 -24.29
C ALA A 31 21.01 25.88 -23.63
N LEU A 32 21.22 25.82 -22.31
CA LEU A 32 21.02 24.55 -21.63
C LEU A 32 19.55 24.10 -21.65
N LYS A 33 18.62 25.04 -21.46
CA LYS A 33 17.22 24.64 -21.48
C LYS A 33 16.77 24.24 -22.89
N LYS A 34 17.34 24.87 -23.92
CA LYS A 34 17.01 24.45 -25.29
C LYS A 34 17.51 23.03 -25.54
N TRP A 35 18.79 22.78 -25.24
CA TRP A 35 19.32 21.42 -25.37
C TRP A 35 18.47 20.41 -24.59
N MET A 36 18.07 20.74 -23.36
CA MET A 36 17.26 19.80 -22.57
C MET A 36 15.92 19.52 -23.24
N ALA A 37 15.28 20.55 -23.77
CA ALA A 37 14.02 20.36 -24.47
C ALA A 37 14.18 19.39 -25.63
N SER A 38 15.28 19.50 -26.38
CA SER A 38 15.49 18.63 -27.53
C SER A 38 15.69 17.17 -27.13
N GLN A 39 15.89 16.87 -25.86
CA GLN A 39 16.02 15.48 -25.46
C GLN A 39 14.71 14.87 -25.00
N GLN A 40 13.66 15.70 -24.87
CA GLN A 40 12.46 15.26 -24.16
C GLN A 40 11.72 14.19 -24.93
N ASP A 41 11.33 14.49 -26.17
CA ASP A 41 10.57 13.51 -26.95
C ASP A 41 11.36 12.23 -27.15
N LYS A 42 12.66 12.35 -27.39
CA LYS A 42 13.46 11.17 -27.70
C LYS A 42 13.54 10.22 -26.50
N PHE A 43 13.88 10.74 -25.32
CA PHE A 43 13.89 9.88 -24.13
C PHE A 43 12.52 9.28 -23.86
N LEU A 44 11.46 10.08 -24.03
CA LEU A 44 10.11 9.57 -23.76
C LEU A 44 9.78 8.38 -24.66
N ALA A 45 10.11 8.52 -25.95
CA ALA A 45 9.82 7.44 -26.90
C ALA A 45 10.64 6.20 -26.58
N LYS A 46 11.93 6.38 -26.29
CA LYS A 46 12.78 5.23 -25.98
C LYS A 46 12.26 4.46 -24.77
N TRP A 47 11.91 5.16 -23.69
CA TRP A 47 11.49 4.45 -22.49
C TRP A 47 10.14 3.79 -22.69
N LEU A 48 9.22 4.45 -23.40
CA LEU A 48 7.93 3.84 -23.67
C LEU A 48 8.02 2.67 -24.63
N LYS A 49 8.98 2.68 -25.56
CA LYS A 49 9.13 1.55 -26.46
C LYS A 49 9.78 0.35 -25.78
N SER A 50 10.61 0.58 -24.77
CA SER A 50 11.37 -0.51 -24.17
C SER A 50 10.50 -1.36 -23.26
N SER A 51 10.78 -2.67 -23.27
CA SER A 51 10.13 -3.59 -22.36
C SER A 51 10.89 -3.75 -21.05
N SER A 52 12.13 -3.28 -20.95
CA SER A 52 12.93 -3.45 -19.75
C SER A 52 13.03 -2.19 -18.91
N VAL A 53 12.44 -1.08 -19.34
CA VAL A 53 12.50 0.20 -18.64
C VAL A 53 11.26 0.34 -17.76
N TYR A 54 11.44 0.75 -16.52
CA TYR A 54 10.34 0.95 -15.60
C TYR A 54 10.61 2.15 -14.74
N PRO A 55 9.55 2.72 -14.10
CA PRO A 55 9.72 4.02 -13.41
C PRO A 55 10.83 4.13 -12.39
N ASP A 56 10.94 3.17 -11.46
CA ASP A 56 12.01 3.27 -10.47
C ASP A 56 13.37 3.41 -11.16
N GLN A 57 13.56 2.71 -12.27
CA GLN A 57 14.82 2.80 -13.01
C GLN A 57 15.03 4.19 -13.60
N VAL A 58 14.03 4.70 -14.35
CA VAL A 58 14.15 6.04 -14.92
C VAL A 58 14.39 7.07 -13.83
N TYR A 59 13.64 6.98 -12.72
CA TYR A 59 13.80 7.89 -11.59
C TYR A 59 15.25 7.96 -11.15
N SER A 60 15.90 6.79 -11.10
CA SER A 60 17.30 6.75 -10.68
C SER A 60 18.23 7.30 -11.76
N LYS A 61 18.03 6.88 -13.01
CA LYS A 61 18.92 7.37 -14.07
C LYS A 61 18.75 8.87 -14.31
N LEU A 62 17.63 9.45 -13.91
CA LEU A 62 17.47 10.90 -13.98
C LEU A 62 17.97 11.62 -12.72
N GLY A 63 18.57 10.89 -11.79
CA GLY A 63 19.09 11.53 -10.58
C GLY A 63 18.06 11.92 -9.56
N LEU A 64 16.82 11.42 -9.69
CA LEU A 64 15.78 11.88 -8.76
C LEU A 64 15.83 11.14 -7.43
N THR A 65 16.18 9.85 -7.43
CA THR A 65 16.06 9.03 -6.22
C THR A 65 16.77 9.67 -5.03
N LYS A 66 17.99 10.16 -5.25
CA LYS A 66 18.74 10.71 -4.14
C LYS A 66 18.20 12.05 -3.68
N LEU A 67 17.32 12.69 -4.44
CA LEU A 67 16.79 13.99 -4.03
C LEU A 67 15.67 13.88 -3.01
N GLY A 68 14.97 12.73 -2.94
CA GLY A 68 13.86 12.66 -2.00
C GLY A 68 12.79 13.66 -2.36
N ALA A 69 12.13 14.21 -1.32
CA ALA A 69 10.98 15.10 -1.56
C ALA A 69 11.33 16.29 -2.43
N SER A 70 12.56 16.80 -2.36
CA SER A 70 12.91 17.90 -3.26
C SER A 70 13.17 17.46 -4.70
N ALA A 71 12.86 16.20 -5.07
CA ALA A 71 13.05 15.77 -6.46
C ALA A 71 12.30 16.66 -7.45
N LYS A 72 11.17 17.23 -7.03
CA LYS A 72 10.37 18.12 -7.86
C LYS A 72 11.10 19.39 -8.21
N SER A 73 12.18 19.71 -7.50
CA SER A 73 12.99 20.85 -7.88
C SER A 73 13.93 20.54 -9.05
N SER A 74 14.03 19.27 -9.46
CA SER A 74 14.92 19.07 -10.59
C SER A 74 14.17 19.31 -11.89
N PRO A 75 14.85 19.90 -12.88
CA PRO A 75 14.25 20.03 -14.21
C PRO A 75 13.90 18.69 -14.85
N ASN A 76 14.53 17.60 -14.43
CA ASN A 76 14.22 16.30 -14.97
C ASN A 76 13.00 15.67 -14.33
N TYR A 77 12.46 16.25 -13.26
CA TYR A 77 11.28 15.65 -12.64
C TYR A 77 10.11 15.64 -13.62
N GLN A 78 9.94 16.71 -14.40
CA GLN A 78 8.78 16.75 -15.26
C GLN A 78 8.93 15.84 -16.48
N LEU A 79 10.16 15.51 -16.88
CA LEU A 79 10.35 14.44 -17.86
C LEU A 79 9.88 13.11 -17.30
N TYR A 80 10.30 12.79 -16.08
CA TYR A 80 9.84 11.59 -15.40
C TYR A 80 8.32 11.55 -15.31
N GLU A 81 7.69 12.69 -14.98
CA GLU A 81 6.24 12.71 -14.82
C GLU A 81 5.53 12.47 -16.15
N LYS A 82 6.03 13.06 -17.23
CA LYS A 82 5.42 12.80 -18.53
C LYS A 82 5.54 11.32 -18.90
N TYR A 83 6.63 10.67 -18.46
CA TYR A 83 6.79 9.24 -18.68
C TYR A 83 5.75 8.43 -17.88
N THR A 84 5.54 8.75 -16.61
CA THR A 84 4.58 7.96 -15.84
C THR A 84 3.15 8.30 -16.23
N GLU A 85 2.88 9.54 -16.67
CA GLU A 85 1.57 9.84 -17.23
C GLU A 85 1.27 8.93 -18.42
N ALA A 86 2.21 8.81 -19.35
CA ALA A 86 2.03 7.94 -20.52
C ALA A 86 1.77 6.49 -20.12
N LEU A 87 2.58 5.96 -19.20
CA LEU A 87 2.34 4.61 -18.69
C LEU A 87 0.94 4.48 -18.10
N LEU A 88 0.58 5.39 -17.19
CA LEU A 88 -0.72 5.28 -16.53
C LEU A 88 -1.86 5.31 -17.53
N GLN A 89 -1.75 6.15 -18.56
CA GLN A 89 -2.80 6.19 -19.58
C GLN A 89 -2.79 4.94 -20.46
N ARG A 90 -1.61 4.35 -20.71
CA ARG A 90 -1.58 3.07 -21.41
C ARG A 90 -2.30 1.99 -20.63
N TRP A 91 -1.87 1.76 -19.38
CA TRP A 91 -2.47 0.71 -18.55
C TRP A 91 -3.93 0.95 -18.28
N THR A 92 -4.34 2.22 -18.17
CA THR A 92 -5.76 2.48 -17.96
C THR A 92 -6.55 2.13 -19.21
N ASN A 93 -5.99 2.37 -20.39
CA ASN A 93 -6.69 2.04 -21.62
C ASN A 93 -6.78 0.55 -21.82
N PHE A 94 -5.74 -0.20 -21.42
CA PHE A 94 -5.81 -1.65 -21.51
C PHE A 94 -6.74 -2.24 -20.45
N LYS A 95 -7.06 -1.47 -19.40
CA LYS A 95 -7.78 -1.96 -18.20
C LYS A 95 -6.95 -3.00 -17.47
N ALA A 96 -5.64 -2.76 -17.43
CA ALA A 96 -4.74 -3.68 -16.76
C ALA A 96 -5.07 -3.72 -15.27
N SER A 97 -5.00 -4.91 -14.69
CA SER A 97 -5.30 -5.05 -13.29
C SER A 97 -4.19 -4.46 -12.45
N PRO A 98 -4.51 -4.03 -11.23
CA PRO A 98 -3.45 -3.55 -10.33
C PRO A 98 -2.37 -4.58 -10.08
N ASP A 99 -2.70 -5.87 -9.99
CA ASP A 99 -1.65 -6.87 -9.86
C ASP A 99 -0.68 -6.81 -11.03
N THR A 100 -1.19 -6.59 -12.24
CA THR A 100 -0.31 -6.43 -13.38
C THR A 100 0.55 -5.18 -13.27
N VAL A 101 -0.06 -4.07 -12.81
CA VAL A 101 0.69 -2.83 -12.62
C VAL A 101 1.80 -3.04 -11.58
N TYR A 102 1.53 -3.83 -10.55
CA TYR A 102 2.53 -4.10 -9.51
C TYR A 102 3.81 -4.67 -10.10
N LYS A 103 3.68 -5.69 -10.96
CA LYS A 103 4.89 -6.26 -11.55
C LYS A 103 5.41 -5.46 -12.74
N SER A 104 4.57 -4.64 -13.38
CA SER A 104 5.12 -3.71 -14.36
C SER A 104 6.09 -2.72 -13.68
N LEU A 105 5.75 -2.27 -12.47
CA LEU A 105 6.62 -1.40 -11.69
C LEU A 105 7.76 -2.15 -11.01
N ARG A 106 7.84 -3.47 -11.20
CA ARG A 106 8.84 -4.34 -10.56
C ARG A 106 8.77 -4.30 -9.04
N LEU A 107 7.65 -3.83 -8.47
CA LEU A 107 7.53 -3.79 -7.02
C LEU A 107 7.63 -5.18 -6.40
N ASP A 108 7.27 -6.22 -7.15
CA ASP A 108 7.38 -7.60 -6.68
C ASP A 108 8.82 -7.97 -6.35
N LYS A 109 9.80 -7.38 -7.05
CA LYS A 109 11.21 -7.65 -6.77
C LYS A 109 11.66 -7.06 -5.44
N LEU A 110 10.90 -6.15 -4.85
CA LEU A 110 11.34 -5.47 -3.65
C LEU A 110 10.74 -6.07 -2.38
N GLY A 111 9.85 -7.05 -2.51
CA GLY A 111 9.34 -7.76 -1.34
C GLY A 111 8.79 -6.81 -0.29
N ALA A 112 9.21 -7.00 0.95
CA ALA A 112 8.69 -6.18 2.05
C ALA A 112 9.14 -4.73 1.95
N LYS A 113 10.07 -4.41 1.07
CA LYS A 113 10.55 -3.04 0.89
C LYS A 113 9.81 -2.30 -0.20
N ALA A 114 8.90 -2.97 -0.92
CA ALA A 114 8.10 -2.32 -1.95
C ALA A 114 7.43 -1.03 -1.46
N PRO A 115 6.82 -0.95 -0.27
CA PRO A 115 6.17 0.31 0.14
C PRO A 115 7.12 1.51 0.16
N GLN A 116 8.43 1.29 0.30
CA GLN A 116 9.39 2.40 0.27
C GLN A 116 9.78 2.80 -1.14
N SER A 117 9.25 2.14 -2.16
CA SER A 117 9.60 2.45 -3.54
C SER A 117 9.06 3.83 -3.93
N PRO A 118 9.84 4.63 -4.67
CA PRO A 118 9.29 5.89 -5.20
C PRO A 118 8.10 5.69 -6.13
N SER A 119 7.87 4.48 -6.63
CA SER A 119 6.69 4.20 -7.45
C SER A 119 5.48 3.79 -6.63
N TYR A 120 5.64 3.57 -5.33
CA TYR A 120 4.53 2.98 -4.57
C TYR A 120 3.29 3.86 -4.55
N PRO A 121 3.38 5.18 -4.34
CA PRO A 121 2.14 5.98 -4.39
C PRO A 121 1.43 5.91 -5.73
N MET A 122 2.17 5.82 -6.84
CA MET A 122 1.53 5.62 -8.14
C MET A 122 0.77 4.32 -8.19
N TYR A 123 1.38 3.23 -7.68
CA TYR A 123 0.66 1.95 -7.60
C TYR A 123 -0.62 2.10 -6.78
N GLU A 124 -0.48 2.62 -5.55
CA GLU A 124 -1.64 2.76 -4.67
C GLU A 124 -2.76 3.58 -5.32
N LYS A 125 -2.39 4.59 -6.10
CA LYS A 125 -3.39 5.40 -6.77
C LYS A 125 -4.09 4.61 -7.87
N TYR A 126 -3.32 3.92 -8.71
CA TYR A 126 -3.93 3.10 -9.76
C TYR A 126 -4.87 2.07 -9.16
N LEU A 127 -4.42 1.45 -8.07
CA LEU A 127 -5.19 0.41 -7.40
C LEU A 127 -6.50 0.97 -6.86
N GLN A 128 -6.44 2.09 -6.13
CA GLN A 128 -7.67 2.73 -5.62
C GLN A 128 -8.60 3.12 -6.76
N THR A 129 -8.05 3.74 -7.80
CA THR A 129 -8.86 4.16 -8.94
C THR A 129 -9.46 2.96 -9.68
N PHE A 130 -8.76 1.84 -9.69
CA PHE A 130 -9.27 0.67 -10.41
C PHE A 130 -10.57 0.17 -9.78
N PHE A 131 -10.64 0.19 -8.45
CA PHE A 131 -11.77 -0.40 -7.73
C PHE A 131 -12.77 0.63 -7.24
N ARG A 132 -12.76 1.85 -7.78
CA ARG A 132 -13.72 2.84 -7.30
C ARG A 132 -15.12 2.48 -7.81
N ASN A 133 -16.01 2.13 -6.88
CA ASN A 133 -17.38 1.67 -7.14
C ASN A 133 -17.40 0.36 -7.93
N LEU B 2 -33.15 -4.35 19.48
CA LEU B 2 -31.82 -4.70 19.97
C LEU B 2 -31.46 -6.13 19.58
N GLY B 3 -30.31 -6.31 18.92
CA GLY B 3 -29.96 -7.62 18.42
C GLY B 3 -29.06 -8.41 19.37
N TYR B 4 -29.13 -9.74 19.23
CA TYR B 4 -28.31 -10.63 20.03
C TYR B 4 -26.81 -10.37 19.82
N ASN B 5 -26.39 -10.19 18.56
CA ASN B 5 -24.97 -9.97 18.31
C ASN B 5 -24.52 -8.62 18.84
N THR B 6 -25.35 -7.60 18.70
CA THR B 6 -24.99 -6.29 19.24
C THR B 6 -24.80 -6.35 20.76
N VAL B 7 -25.72 -7.02 21.46
CA VAL B 7 -25.60 -7.12 22.92
C VAL B 7 -24.37 -7.94 23.30
N GLN B 8 -24.22 -9.13 22.70
CA GLN B 8 -23.09 -9.99 23.05
C GLN B 8 -21.77 -9.26 22.86
N LEU B 9 -21.59 -8.64 21.70
CA LEU B 9 -20.38 -7.87 21.44
C LEU B 9 -20.21 -6.75 22.45
N TRP B 10 -21.29 -6.03 22.76
CA TRP B 10 -21.23 -5.03 23.82
C TRP B 10 -20.73 -5.65 25.11
N ARG B 11 -21.12 -6.90 25.39
CA ARG B 11 -20.69 -7.55 26.62
C ARG B 11 -19.23 -7.96 26.55
N MET B 12 -18.73 -8.28 25.36
CA MET B 12 -17.33 -8.64 25.23
C MET B 12 -16.42 -7.43 25.29
N ARG B 13 -16.83 -6.30 24.70
CA ARG B 13 -16.11 -5.05 24.92
C ARG B 13 -16.13 -4.66 26.40
N ARG B 14 -17.29 -4.79 27.06
CA ARG B 14 -17.39 -4.47 28.48
C ARG B 14 -16.46 -5.35 29.32
N THR B 15 -16.51 -6.67 29.09
CA THR B 15 -15.68 -7.60 29.84
C THR B 15 -14.19 -7.34 29.62
N ALA B 16 -13.82 -6.98 28.39
CA ALA B 16 -12.41 -6.73 28.09
C ALA B 16 -11.88 -5.56 28.91
N ASN B 17 -12.67 -4.50 29.05
CA ASN B 17 -12.25 -3.38 29.89
C ASN B 17 -12.06 -3.80 31.33
N LYS B 18 -12.99 -4.59 31.88
CA LYS B 18 -12.85 -5.04 33.26
C LYS B 18 -11.58 -5.85 33.45
N LEU B 19 -11.17 -6.63 32.45
CA LEU B 19 -9.92 -7.38 32.57
C LEU B 19 -8.69 -6.51 32.38
N MET B 20 -8.76 -5.48 31.52
CA MET B 20 -7.61 -4.59 31.33
C MET B 20 -7.37 -3.70 32.53
N ASN B 21 -8.42 -3.35 33.26
CA ASN B 21 -8.24 -2.53 34.46
C ASN B 21 -7.55 -3.31 35.57
N GLY B 22 -7.76 -4.63 35.61
CA GLY B 22 -7.15 -5.46 36.62
C GLY B 22 -7.75 -5.18 37.99
N LYS B 23 -6.95 -5.46 39.01
CA LYS B 23 -7.35 -5.33 40.41
C LYS B 23 -8.75 -5.94 40.61
N LEU B 24 -8.89 -7.20 40.21
CA LEU B 24 -10.09 -7.99 40.39
C LEU B 24 -9.82 -9.09 41.42
N THR B 25 -10.88 -9.50 42.11
CA THR B 25 -10.75 -10.65 43.00
C THR B 25 -10.37 -11.88 42.18
N THR B 26 -9.61 -12.78 42.80
CA THR B 26 -9.10 -13.95 42.09
C THR B 26 -10.23 -14.73 41.42
N GLN B 27 -11.33 -14.98 42.15
CA GLN B 27 -12.45 -15.71 41.57
C GLN B 27 -13.18 -14.89 40.52
N LYS B 28 -13.23 -13.56 40.69
CA LYS B 28 -13.96 -12.72 39.74
C LYS B 28 -13.26 -12.67 38.38
N GLU B 29 -11.93 -12.53 38.38
CA GLU B 29 -11.18 -12.49 37.14
C GLU B 29 -11.28 -13.82 36.39
N ALA B 30 -11.19 -14.94 37.13
CA ALA B 30 -11.36 -16.24 36.50
C ALA B 30 -12.74 -16.41 35.90
N ALA B 31 -13.79 -15.99 36.62
CA ALA B 31 -15.14 -16.09 36.10
C ALA B 31 -15.32 -15.24 34.85
N LEU B 32 -14.63 -14.11 34.75
CA LEU B 32 -14.69 -13.33 33.51
C LEU B 32 -13.95 -14.04 32.38
N LYS B 33 -12.73 -14.49 32.66
CA LYS B 33 -11.96 -15.21 31.65
C LYS B 33 -12.62 -16.53 31.26
N LYS B 34 -13.39 -17.13 32.18
CA LYS B 34 -14.11 -18.35 31.83
C LYS B 34 -15.27 -18.06 30.88
N TRP B 35 -15.95 -16.92 31.06
CA TRP B 35 -17.05 -16.55 30.16
C TRP B 35 -16.53 -16.09 28.81
N MET B 36 -15.36 -15.43 28.78
CA MET B 36 -14.78 -15.02 27.50
C MET B 36 -14.40 -16.22 26.66
N ALA B 37 -13.72 -17.20 27.26
CA ALA B 37 -13.29 -18.40 26.54
C ALA B 37 -14.46 -19.12 25.88
N SER B 38 -15.65 -19.08 26.50
CA SER B 38 -16.79 -19.78 25.94
C SER B 38 -17.46 -19.01 24.81
N GLN B 39 -16.97 -17.83 24.47
CA GLN B 39 -17.51 -17.08 23.35
C GLN B 39 -16.59 -17.09 22.15
N GLN B 40 -15.39 -17.68 22.29
CA GLN B 40 -14.40 -17.66 21.22
C GLN B 40 -14.87 -18.49 20.03
N ASP B 41 -15.05 -19.80 20.25
CA ASP B 41 -15.42 -20.69 19.16
C ASP B 41 -16.69 -20.20 18.45
N LYS B 42 -17.67 -19.70 19.23
CA LYS B 42 -18.97 -19.37 18.67
C LYS B 42 -18.91 -18.10 17.81
N PHE B 43 -18.14 -17.09 18.22
CA PHE B 43 -18.01 -15.90 17.39
C PHE B 43 -17.11 -16.15 16.18
N LEU B 44 -16.04 -16.92 16.35
CA LEU B 44 -15.16 -17.23 15.23
C LEU B 44 -15.90 -18.00 14.14
N ALA B 45 -16.77 -18.92 14.54
CA ALA B 45 -17.53 -19.69 13.55
C ALA B 45 -18.60 -18.85 12.90
N LYS B 46 -19.21 -17.93 13.63
CA LYS B 46 -20.22 -17.06 13.03
C LYS B 46 -19.61 -16.12 12.00
N TRP B 47 -18.45 -15.54 12.32
CA TRP B 47 -17.81 -14.60 11.40
C TRP B 47 -17.37 -15.29 10.10
N LEU B 48 -16.84 -16.51 10.21
CA LEU B 48 -16.38 -17.21 9.03
C LEU B 48 -17.53 -17.60 8.09
N LYS B 49 -18.72 -17.84 8.62
CA LYS B 49 -19.84 -18.23 7.75
C LYS B 49 -20.55 -17.05 7.12
N SER B 50 -20.35 -15.83 7.62
CA SER B 50 -21.09 -14.68 7.11
C SER B 50 -20.44 -14.10 5.86
N SER B 51 -21.28 -13.64 4.93
CA SER B 51 -20.86 -12.98 3.71
C SER B 51 -20.60 -11.50 3.90
N SER B 52 -21.09 -10.91 4.99
CA SER B 52 -20.99 -9.48 5.21
C SER B 52 -19.98 -9.08 6.27
N VAL B 53 -19.50 -10.03 7.07
CA VAL B 53 -18.52 -9.77 8.11
C VAL B 53 -17.12 -9.78 7.50
N TYR B 54 -16.30 -8.79 7.85
CA TYR B 54 -14.93 -8.72 7.36
C TYR B 54 -14.06 -8.07 8.44
N PRO B 55 -12.73 -8.17 8.32
CA PRO B 55 -11.84 -7.78 9.45
C PRO B 55 -12.01 -6.37 10.00
N ASP B 56 -12.14 -5.35 9.14
CA ASP B 56 -12.26 -3.98 9.67
C ASP B 56 -13.53 -3.85 10.51
N GLN B 57 -14.58 -4.58 10.16
CA GLN B 57 -15.82 -4.55 10.95
C GLN B 57 -15.63 -5.26 12.27
N VAL B 58 -14.95 -6.42 12.25
CA VAL B 58 -14.72 -7.15 13.49
C VAL B 58 -13.78 -6.36 14.39
N TYR B 59 -12.79 -5.70 13.81
CA TYR B 59 -11.93 -4.83 14.59
C TYR B 59 -12.76 -3.78 15.33
N SER B 60 -13.74 -3.21 14.65
CA SER B 60 -14.53 -2.14 15.25
C SER B 60 -15.46 -2.71 16.31
N LYS B 61 -16.12 -3.83 16.00
CA LYS B 61 -17.06 -4.40 16.94
C LYS B 61 -16.39 -5.00 18.16
N LEU B 62 -15.09 -5.30 18.13
CA LEU B 62 -14.43 -5.82 19.32
C LEU B 62 -13.76 -4.73 20.15
N GLY B 63 -13.89 -3.47 19.77
CA GLY B 63 -13.30 -2.39 20.54
C GLY B 63 -11.87 -2.04 20.19
N LEU B 64 -11.27 -2.69 19.19
CA LEU B 64 -9.85 -2.53 18.95
C LEU B 64 -9.52 -1.26 18.18
N THR B 65 -10.41 -0.85 17.26
CA THR B 65 -10.26 0.43 16.59
C THR B 65 -10.10 1.56 17.58
N LYS B 66 -11.02 1.63 18.55
CA LYS B 66 -10.96 2.67 19.56
C LYS B 66 -9.63 2.64 20.31
N LEU B 67 -9.11 1.46 20.61
CA LEU B 67 -7.94 1.36 21.46
C LEU B 67 -6.67 1.86 20.77
N GLY B 68 -6.71 2.04 19.45
CA GLY B 68 -5.54 2.52 18.76
C GLY B 68 -4.33 1.65 19.09
N ALA B 69 -3.21 2.31 19.42
CA ALA B 69 -1.93 1.62 19.56
C ALA B 69 -1.90 0.62 20.71
N SER B 70 -2.85 0.70 21.64
CA SER B 70 -2.97 -0.26 22.72
C SER B 70 -3.97 -1.37 22.41
N ALA B 71 -4.26 -1.59 21.12
CA ALA B 71 -5.22 -2.64 20.76
C ALA B 71 -4.73 -4.01 21.19
N LYS B 72 -3.42 -4.25 21.08
CA LYS B 72 -2.85 -5.53 21.48
C LYS B 72 -2.99 -5.80 22.96
N SER B 73 -3.16 -4.77 23.79
CA SER B 73 -3.41 -5.04 25.19
C SER B 73 -4.82 -5.58 25.48
N SER B 74 -5.70 -5.68 24.46
CA SER B 74 -7.04 -6.15 24.85
C SER B 74 -7.15 -7.67 24.74
N PRO B 75 -7.87 -8.30 25.67
CA PRO B 75 -8.15 -9.74 25.54
C PRO B 75 -8.78 -10.13 24.22
N ASN B 76 -9.48 -9.21 23.55
CA ASN B 76 -10.12 -9.51 22.28
C ASN B 76 -9.19 -9.44 21.08
N TYR B 77 -7.95 -8.97 21.25
CA TYR B 77 -7.04 -8.92 20.11
C TYR B 77 -6.76 -10.33 19.58
N GLN B 78 -6.43 -11.26 20.48
CA GLN B 78 -6.12 -12.63 20.03
C GLN B 78 -7.31 -13.25 19.31
N LEU B 79 -8.53 -12.84 19.67
CA LEU B 79 -9.71 -13.33 18.97
C LEU B 79 -9.75 -12.79 17.55
N TYR B 80 -9.58 -11.48 17.41
CA TYR B 80 -9.47 -10.90 16.08
C TYR B 80 -8.31 -11.53 15.31
N GLU B 81 -7.21 -11.79 16.01
CA GLU B 81 -6.05 -12.41 15.36
C GLU B 81 -6.41 -13.78 14.80
N LYS B 82 -7.00 -14.63 15.64
CA LYS B 82 -7.40 -15.97 15.21
C LYS B 82 -8.40 -15.91 14.05
N TYR B 83 -9.13 -14.82 13.91
CA TYR B 83 -10.06 -14.67 12.79
C TYR B 83 -9.33 -14.33 11.49
N THR B 84 -8.43 -13.35 11.52
CA THR B 84 -7.68 -13.03 10.32
C THR B 84 -6.77 -14.18 9.91
N GLU B 85 -6.26 -14.94 10.88
CA GLU B 85 -5.47 -16.13 10.54
C GLU B 85 -6.30 -17.12 9.74
N ALA B 86 -7.56 -17.34 10.14
CA ALA B 86 -8.44 -18.23 9.41
C ALA B 86 -8.73 -17.72 8.01
N LEU B 87 -8.90 -16.41 7.85
CA LEU B 87 -9.16 -15.86 6.52
C LEU B 87 -7.97 -16.07 5.60
N LEU B 88 -6.76 -15.78 6.09
CA LEU B 88 -5.57 -15.93 5.26
C LEU B 88 -5.38 -17.39 4.86
N GLN B 89 -5.68 -18.31 5.77
CA GLN B 89 -5.62 -19.73 5.42
C GLN B 89 -6.61 -20.05 4.29
N ARG B 90 -7.81 -19.49 4.35
CA ARG B 90 -8.81 -19.73 3.31
C ARG B 90 -8.37 -19.14 1.98
N TRP B 91 -7.99 -17.86 1.99
CA TRP B 91 -7.57 -17.21 0.75
C TRP B 91 -6.36 -17.89 0.13
N THR B 92 -5.51 -18.48 0.97
CA THR B 92 -4.34 -19.16 0.42
C THR B 92 -4.74 -20.49 -0.22
N ASN B 93 -5.64 -21.24 0.42
CA ASN B 93 -6.18 -22.44 -0.19
C ASN B 93 -6.85 -22.15 -1.53
N PHE B 94 -7.53 -21.01 -1.63
CA PHE B 94 -8.08 -20.60 -2.92
C PHE B 94 -6.99 -20.19 -3.90
N LYS B 95 -5.82 -19.83 -3.40
CA LYS B 95 -4.82 -19.10 -4.18
C LYS B 95 -5.41 -17.79 -4.70
N ALA B 96 -6.19 -17.12 -3.85
CA ALA B 96 -6.78 -15.86 -4.27
C ALA B 96 -5.67 -14.87 -4.64
N SER B 97 -5.94 -14.06 -5.66
CA SER B 97 -5.02 -13.03 -6.05
C SER B 97 -5.10 -11.87 -5.06
N PRO B 98 -4.05 -11.05 -4.94
CA PRO B 98 -4.15 -9.91 -4.02
C PRO B 98 -5.28 -8.98 -4.36
N ASP B 99 -5.64 -8.85 -5.64
CA ASP B 99 -6.78 -8.00 -6.01
C ASP B 99 -8.08 -8.56 -5.45
N THR B 100 -8.22 -9.88 -5.43
CA THR B 100 -9.41 -10.45 -4.80
C THR B 100 -9.38 -10.24 -3.29
N VAL B 101 -8.21 -10.41 -2.66
CA VAL B 101 -8.10 -10.13 -1.22
C VAL B 101 -8.47 -8.68 -0.93
N TYR B 102 -8.04 -7.76 -1.80
CA TYR B 102 -8.31 -6.34 -1.59
C TYR B 102 -9.82 -6.10 -1.48
N LYS B 103 -10.60 -6.81 -2.28
CA LYS B 103 -12.06 -6.69 -2.19
C LYS B 103 -12.65 -7.48 -1.03
N SER B 104 -12.04 -8.62 -0.66
CA SER B 104 -12.46 -9.31 0.55
C SER B 104 -12.36 -8.39 1.77
N LEU B 105 -11.30 -7.60 1.83
CA LEU B 105 -11.10 -6.72 2.99
C LEU B 105 -11.93 -5.46 2.89
N ARG B 106 -12.74 -5.33 1.84
CA ARG B 106 -13.52 -4.13 1.54
C ARG B 106 -12.65 -2.90 1.40
N LEU B 107 -11.37 -3.09 1.07
CA LEU B 107 -10.51 -1.93 0.91
C LEU B 107 -10.89 -1.12 -0.32
N ASP B 108 -11.62 -1.72 -1.27
CA ASP B 108 -12.09 -0.98 -2.45
C ASP B 108 -13.05 0.14 -2.09
N LYS B 109 -13.80 -0.01 -0.99
CA LYS B 109 -14.81 0.97 -0.62
C LYS B 109 -14.23 2.18 0.08
N LEU B 110 -13.00 2.07 0.55
CA LEU B 110 -12.36 3.14 1.30
C LEU B 110 -11.70 4.18 0.41
N GLY B 111 -11.59 3.91 -0.89
CA GLY B 111 -10.96 4.86 -1.79
C GLY B 111 -9.56 5.21 -1.33
N ALA B 112 -9.24 6.51 -1.41
CA ALA B 112 -7.92 6.97 -1.02
C ALA B 112 -7.62 6.77 0.46
N LYS B 113 -8.59 6.41 1.29
CA LYS B 113 -8.30 6.16 2.70
C LYS B 113 -7.93 4.71 2.96
N ALA B 114 -7.97 3.86 1.95
CA ALA B 114 -7.60 2.46 2.15
C ALA B 114 -6.29 2.26 2.89
N PRO B 115 -5.20 3.00 2.63
CA PRO B 115 -3.96 2.75 3.38
C PRO B 115 -4.09 2.96 4.88
N GLN B 116 -5.08 3.73 5.35
CA GLN B 116 -5.23 3.94 6.79
C GLN B 116 -6.02 2.84 7.46
N SER B 117 -6.48 1.85 6.72
CA SER B 117 -7.31 0.82 7.31
C SER B 117 -6.45 -0.12 8.16
N PRO B 118 -6.96 -0.58 9.30
CA PRO B 118 -6.20 -1.57 10.09
C PRO B 118 -6.03 -2.88 9.35
N SER B 119 -6.80 -3.12 8.29
CA SER B 119 -6.60 -4.31 7.48
C SER B 119 -5.44 -4.13 6.50
N TYR B 120 -5.04 -2.89 6.25
CA TYR B 120 -4.09 -2.65 5.16
C TYR B 120 -2.77 -3.38 5.33
N PRO B 121 -2.14 -3.43 6.50
CA PRO B 121 -0.88 -4.19 6.61
C PRO B 121 -1.05 -5.65 6.29
N MET B 122 -2.21 -6.22 6.64
CA MET B 122 -2.50 -7.59 6.23
C MET B 122 -2.54 -7.71 4.70
N TYR B 123 -3.19 -6.76 4.02
CA TYR B 123 -3.25 -6.80 2.56
C TYR B 123 -1.85 -6.69 1.96
N GLU B 124 -1.04 -5.77 2.46
CA GLU B 124 0.30 -5.61 1.89
C GLU B 124 1.13 -6.87 2.07
N LYS B 125 1.00 -7.53 3.23
CA LYS B 125 1.79 -8.74 3.46
C LYS B 125 1.36 -9.84 2.50
N TYR B 126 0.04 -10.00 2.27
CA TYR B 126 -0.44 -11.00 1.33
C TYR B 126 0.04 -10.69 -0.08
N LEU B 127 0.01 -9.41 -0.46
CA LEU B 127 0.44 -9.00 -1.80
C LEU B 127 1.91 -9.31 -2.01
N GLN B 128 2.75 -8.93 -1.04
CA GLN B 128 4.17 -9.21 -1.14
C GLN B 128 4.42 -10.72 -1.18
N THR B 129 3.79 -11.47 -0.29
CA THR B 129 4.00 -12.92 -0.29
C THR B 129 3.52 -13.56 -1.59
N PHE B 130 2.38 -13.10 -2.12
CA PHE B 130 1.91 -13.62 -3.40
C PHE B 130 2.98 -13.50 -4.48
N PHE B 131 3.68 -12.37 -4.53
CA PHE B 131 4.58 -12.02 -5.62
C PHE B 131 6.05 -12.26 -5.33
N ARG B 132 6.41 -12.76 -4.15
CA ARG B 132 7.83 -12.99 -3.87
C ARG B 132 8.31 -14.18 -4.70
N ASN B 133 9.10 -13.91 -5.74
CA ASN B 133 9.71 -15.00 -6.50
C ASN B 133 10.86 -15.59 -5.68
#